data_9UC6
#
_entry.id   9UC6
#
_cell.length_a   1.00
_cell.length_b   1.00
_cell.length_c   1.00
_cell.angle_alpha   90.00
_cell.angle_beta   90.00
_cell.angle_gamma   90.00
#
_symmetry.space_group_name_H-M   'P 1'
#
loop_
_entity.id
_entity.type
_entity.pdbx_description
1 polymer 'Chlorophyll a-b binding protein, chloroplastic'
2 non-polymer 'CHLOROPHYLL A'
3 non-polymer 'CHLOROPHYLL B'
4 non-polymer 'Mg-2,4-divinyl-phaeoporphyrin a5-monometyl ester'
5 non-polymer (3~{E},5~{E},7~{E},9~{E},11~{E},13~{E},15~{E},17~{E})-1-[(1~{S},4~{S})-2,2-dimethyl-6-methylidene-1,4-bis(oxidanyl)cyclohexyl]-3,7,12,16-tetramethyl-18-[(1~{R},4~{R})-2,6,6-trimethyl-4-oxidanyl-cyclohex-2-en-1-yl]octadeca-3,5,7,9,11,13,15,17-octaen-2-one
6 non-polymer (5~{Z})-3-[2-[(1~{R},4~{R})-2,6,6-trimethyl-4-oxidanyl-cyclohex-2-en-1-yl]ethyl]-5-[(2~{E},4~{E},6~{E},8~{E},10~{E},12~{E})-2,7,11-trimethyl-13-[(1~{S},4~{S},6~{R})-2,2,6-trimethyl-4-oxidanyl-7-oxabicyclo[4.1.0]heptan-1-yl]trideca-2,4,6,8,10,12-hexaenylidene]furan-2-one
7 non-polymer (1R,3R)-6-{(3E,5E,7E,9E,11E,13E,15E,17E)-18-[(1S,4R,6R)-4-HYDROXY-2,2,6-TRIMETHYL-7-OXABICYCLO[4.1.0]HEPT-1-YL]-3,7,12,16-TETRAMETHYLOCTADECA-1,3,5,7,9,11,13,15,17-NONAENYLIDENE}-1,5,5-TRIMETHYLCYCLOHEXANE-1,3-DIOL
8 non-polymer (2~{Z},4~{E},6~{E},8~{E},10~{E},12~{E},14~{E},16~{E})-6,11,15-trimethyl-17-[(4~{R})-2,6,6-trimethyl-4-oxidanyl-cyclohexen-1-yl]-2-[2-[(1~{R},4~{R})-2,6,6-trimethyl-4-oxidanyl-cyclohex-2-en-1-yl]ethyl]heptadeca-2,4,6,8,10,12,14,16-octaenal
9 non-polymer (1~{R})-3,5,5-trimethyl-4-[(1~{E},3~{E},5~{E},7~{E},9~{E},11~{E},13~{E},15~{E})-3,7,12,16-tetramethyl-18-[(1~{R},4~{R})-2,6,6-trimethyl-4-oxidanyl-cyclohex-2-en-1-yl]octadeca-1,3,5,7,9,11,13,15-octaenyl]cyclohex-3-en-1-ol
10 non-polymer 'Lauryl Maltose Neopentyl Glycol'
11 non-polymer 1,2-DI-O-ACYL-3-O-[6-DEOXY-6-SULFO-ALPHA-D-GLUCOPYRANOSYL]-SN-GLYCEROL
12 non-polymer '[(1~{S},3~{S},6~{R})-1,5,5-trimethyl-6-[(1~{E},3~{E},5~{E},7~{E},9~{E},11~{E},13~{E},15~{E},17~{E})-3,7,12,16-tetramethyl-18-[(4~{R})-2,6,6-trimethyl-4-oxidanyl-cyclohexen-1-yl]octadeca-1,3,5,7,9,11,13,15,17-nonaenyl]-7-oxabicyclo[4.1.0]heptan-3-yl] (~{Z})-oct-2-enoate'
13 water water
#
_entity_poly.entity_id   1
_entity_poly.type   'polypeptide(L)'
_entity_poly.pdbx_seq_one_letter_code
;ADIYPEFGTYPGGGESPIIPFGSEKNAEREVIHGRWAMLGVTGAWAAENGTGIPWFTAGTLCTPDDCTAVADKFPGAVAP
LAPEGSGYPSFWNVLIIEIVLVGAAEAYRTGISDSPFDDGLTVGDVNPGGRFDPLGLAESGDLEELKIKELKHCRLSMFA
WLGCIFQALATQEGPIANWQSHVADPVHSNVLTNAAKGFGFY
;
_entity_poly.pdbx_strand_id   A,B,C
#
# COMPACT_ATOMS: atom_id res chain seq x y z
N ALA A 1 -5.53 20.80 22.77
CA ALA A 1 -5.24 22.16 23.20
C ALA A 1 -4.47 22.16 24.50
N ASP A 2 -5.19 21.97 25.61
CA ASP A 2 -4.57 21.93 26.93
C ASP A 2 -3.90 20.59 27.19
N ILE A 3 -4.63 19.49 27.05
CA ILE A 3 -4.09 18.18 27.35
C ILE A 3 -3.50 17.50 26.11
N TYR A 4 -3.93 17.90 24.91
CA TYR A 4 -3.44 17.34 23.65
C TYR A 4 -3.02 18.46 22.71
N PRO A 5 -1.91 19.15 23.01
CA PRO A 5 -1.46 20.22 22.10
C PRO A 5 -0.81 19.69 20.82
N GLU A 6 -0.34 18.45 20.82
CA GLU A 6 0.30 17.85 19.65
C GLU A 6 -0.67 17.76 18.47
N PHE A 7 -0.14 17.44 17.29
CA PHE A 7 -0.96 17.30 16.09
C PHE A 7 -2.06 16.28 16.30
N GLY A 8 -3.26 16.61 15.84
CA GLY A 8 -4.40 15.73 15.98
C GLY A 8 -5.13 15.92 17.29
N THR A 9 -6.04 14.99 17.56
CA THR A 9 -6.84 15.02 18.78
C THR A 9 -7.16 13.58 19.17
N TYR A 10 -8.01 13.43 20.17
CA TYR A 10 -8.44 12.16 20.71
C TYR A 10 -9.94 11.95 20.50
N PRO A 11 -10.42 10.71 20.45
CA PRO A 11 -11.86 10.50 20.25
C PRO A 11 -12.67 11.15 21.35
N GLY A 12 -13.72 11.87 20.96
CA GLY A 12 -14.44 12.73 21.85
C GLY A 12 -13.79 14.08 22.09
N GLY A 13 -12.69 14.40 21.40
CA GLY A 13 -11.98 15.63 21.63
C GLY A 13 -11.93 16.57 20.44
N GLY A 14 -12.60 16.20 19.35
CA GLY A 14 -12.61 17.07 18.19
C GLY A 14 -12.71 16.26 16.91
N GLU A 15 -12.25 16.88 15.84
CA GLU A 15 -12.32 16.29 14.50
C GLU A 15 -10.97 15.72 14.10
N SER A 16 -10.98 14.55 13.50
CA SER A 16 -9.76 13.94 12.99
C SER A 16 -9.17 14.81 11.88
N PRO A 17 -7.84 14.98 11.84
CA PRO A 17 -7.25 15.91 10.86
C PRO A 17 -7.33 15.41 9.43
N ILE A 18 -7.13 14.11 9.19
CA ILE A 18 -6.97 13.60 7.83
C ILE A 18 -7.98 12.50 7.53
N ILE A 19 -7.94 11.42 8.31
CA ILE A 19 -8.86 10.29 8.12
C ILE A 19 -10.04 10.48 9.06
N PRO A 20 -11.27 10.64 8.54
CA PRO A 20 -12.40 11.02 9.39
C PRO A 20 -12.72 9.97 10.44
N PHE A 21 -13.11 10.46 11.63
CA PHE A 21 -13.55 9.61 12.73
C PHE A 21 -15.05 9.38 12.57
N GLY A 22 -15.42 8.22 12.04
CA GLY A 22 -16.82 7.94 11.74
C GLY A 22 -17.43 6.84 12.59
N SER A 23 -16.64 5.88 13.03
CA SER A 23 -17.12 4.76 13.80
C SER A 23 -16.46 4.76 15.18
N GLU A 24 -17.29 4.62 16.22
CA GLU A 24 -16.77 4.53 17.58
C GLU A 24 -15.95 3.25 17.79
N LYS A 25 -16.27 2.18 17.05
CA LYS A 25 -15.54 0.92 17.18
C LYS A 25 -14.05 1.10 16.91
N ASN A 26 -13.70 1.92 15.92
CA ASN A 26 -12.30 2.20 15.64
C ASN A 26 -11.57 2.67 16.90
N ALA A 27 -12.24 3.48 17.72
CA ALA A 27 -11.62 3.91 18.98
C ALA A 27 -11.15 2.71 19.80
N GLU A 28 -12.03 1.73 20.03
CA GLU A 28 -11.64 0.51 20.73
C GLU A 28 -10.47 -0.16 20.02
N ARG A 29 -10.58 -0.33 18.70
CA ARG A 29 -9.49 -0.96 17.95
C ARG A 29 -8.17 -0.24 18.24
N GLU A 30 -8.20 1.10 18.22
CA GLU A 30 -6.95 1.83 18.35
C GLU A 30 -6.29 1.55 19.69
N VAL A 31 -7.09 1.38 20.75
CA VAL A 31 -6.50 1.10 22.05
C VAL A 31 -5.91 -0.31 22.07
N ILE A 32 -6.65 -1.28 21.55
CA ILE A 32 -6.21 -2.67 21.65
C ILE A 32 -4.91 -2.87 20.88
N HIS A 33 -4.92 -2.53 19.59
CA HIS A 33 -3.69 -2.44 18.82
C HIS A 33 -2.58 -1.78 19.62
N GLY A 34 -2.87 -0.61 20.18
CA GLY A 34 -1.85 0.14 20.89
C GLY A 34 -1.21 -0.67 22.01
N ARG A 35 -2.03 -1.34 22.82
CA ARG A 35 -1.47 -2.08 23.94
C ARG A 35 -0.52 -3.16 23.42
N TRP A 36 -0.95 -3.90 22.39
CA TRP A 36 -0.08 -4.92 21.82
C TRP A 36 1.20 -4.28 21.31
N ALA A 37 1.09 -3.14 20.63
CA ALA A 37 2.28 -2.49 20.09
C ALA A 37 3.27 -2.17 21.19
N MET A 38 2.78 -1.67 22.34
CA MET A 38 3.69 -1.39 23.44
C MET A 38 4.45 -2.66 23.82
N LEU A 39 3.71 -3.74 24.10
CA LEU A 39 4.35 -4.99 24.47
C LEU A 39 5.28 -5.46 23.36
N GLY A 40 4.91 -5.18 22.11
CA GLY A 40 5.77 -5.56 21.01
C GLY A 40 7.10 -4.83 21.04
N VAL A 41 7.06 -3.50 21.08
CA VAL A 41 8.30 -2.73 20.93
C VAL A 41 9.23 -3.03 22.09
N THR A 42 8.71 -2.86 23.31
CA THR A 42 9.43 -3.26 24.50
C THR A 42 10.06 -4.63 24.33
N GLY A 43 9.25 -5.62 23.96
CA GLY A 43 9.77 -6.97 23.79
C GLY A 43 10.97 -6.99 22.87
N ALA A 44 10.78 -6.49 21.64
CA ALA A 44 11.88 -6.50 20.68
C ALA A 44 13.09 -5.85 21.30
N TRP A 45 12.90 -4.63 21.81
CA TRP A 45 13.95 -3.88 22.47
C TRP A 45 14.66 -4.76 23.49
N ALA A 46 13.91 -5.22 24.50
CA ALA A 46 14.54 -5.93 25.60
C ALA A 46 15.24 -7.19 25.10
N ALA A 47 14.59 -7.93 24.20
CA ALA A 47 15.18 -9.20 23.81
C ALA A 47 16.51 -8.96 23.10
N GLU A 48 16.56 -7.93 22.23
CA GLU A 48 17.82 -7.68 21.54
C GLU A 48 18.89 -7.23 22.50
N ASN A 49 18.51 -6.55 23.59
CA ASN A 49 19.53 -6.13 24.55
C ASN A 49 20.04 -7.32 25.34
N GLY A 50 19.22 -8.35 25.50
CA GLY A 50 19.61 -9.47 26.34
C GLY A 50 20.30 -10.59 25.61
N THR A 51 19.90 -10.85 24.36
CA THR A 51 20.40 -11.97 23.59
C THR A 51 21.17 -11.57 22.34
N GLY A 52 20.99 -10.35 21.84
CA GLY A 52 21.56 -9.98 20.56
C GLY A 52 20.79 -10.48 19.36
N ILE A 53 19.67 -11.15 19.56
CA ILE A 53 18.89 -11.74 18.48
C ILE A 53 17.81 -10.74 18.08
N PRO A 54 17.73 -10.34 16.81
CA PRO A 54 16.66 -9.42 16.40
C PRO A 54 15.29 -10.07 16.47
N TRP A 55 14.27 -9.23 16.68
CA TRP A 55 12.90 -9.73 16.84
C TRP A 55 12.41 -10.44 15.59
N PHE A 56 12.80 -9.96 14.41
CA PHE A 56 12.22 -10.49 13.18
C PHE A 56 12.83 -11.84 12.77
N THR A 57 13.83 -12.36 13.48
CA THR A 57 14.31 -13.71 13.25
C THR A 57 14.20 -14.63 14.45
N ALA A 58 13.67 -14.15 15.59
CA ALA A 58 13.63 -14.98 16.80
C ALA A 58 12.76 -16.22 16.63
N GLY A 59 11.81 -16.17 15.69
CA GLY A 59 10.91 -17.30 15.47
C GLY A 59 11.62 -18.58 15.10
N THR A 60 12.73 -18.49 14.37
CA THR A 60 13.44 -19.68 13.92
C THR A 60 14.03 -20.49 15.07
N LEU A 61 14.09 -19.93 16.27
CA LEU A 61 14.59 -20.66 17.44
C LEU A 61 13.66 -21.77 17.92
N CYS A 62 12.37 -21.71 17.57
CA CYS A 62 11.38 -22.66 18.08
C CYS A 62 10.51 -23.17 16.94
N THR A 63 10.75 -24.39 16.52
CA THR A 63 10.01 -25.07 15.47
C THR A 63 9.70 -26.50 15.91
N PRO A 64 8.78 -27.18 15.24
CA PRO A 64 8.55 -28.60 15.57
C PRO A 64 9.81 -29.45 15.47
N ASP A 65 10.77 -29.08 14.63
CA ASP A 65 12.04 -29.80 14.59
C ASP A 65 12.84 -29.60 15.87
N ASP A 66 12.86 -28.37 16.40
CA ASP A 66 13.69 -28.08 17.58
C ASP A 66 13.22 -26.78 18.23
N CYS A 67 13.06 -26.81 19.56
CA CYS A 67 12.79 -25.60 20.33
C CYS A 67 13.67 -25.51 21.57
N THR A 68 14.66 -26.38 21.72
CA THR A 68 15.53 -26.34 22.89
C THR A 68 16.50 -25.17 22.89
N ALA A 69 16.70 -24.49 21.75
CA ALA A 69 17.64 -23.38 21.70
C ALA A 69 17.19 -22.19 22.53
N VAL A 70 15.90 -22.07 22.81
CA VAL A 70 15.39 -20.98 23.64
C VAL A 70 15.59 -21.23 25.13
N ALA A 71 16.01 -22.44 25.52
CA ALA A 71 16.03 -22.80 26.93
C ALA A 71 16.97 -21.92 27.75
N ASP A 72 18.14 -21.56 27.19
CA ASP A 72 19.16 -20.85 27.96
C ASP A 72 19.28 -19.38 27.57
N LYS A 73 18.24 -18.79 26.98
CA LYS A 73 18.37 -17.44 26.45
C LYS A 73 18.11 -16.34 27.48
N PHE A 74 17.28 -16.60 28.49
CA PHE A 74 16.81 -15.52 29.36
C PHE A 74 17.93 -15.08 30.31
N PRO A 75 18.27 -13.79 30.34
CA PRO A 75 19.46 -13.36 31.08
C PRO A 75 19.30 -13.46 32.59
N GLY A 76 20.31 -14.05 33.22
CA GLY A 76 20.36 -14.22 34.66
C GLY A 76 19.57 -15.37 35.22
N ALA A 77 18.89 -16.15 34.36
CA ALA A 77 18.01 -17.21 34.85
C ALA A 77 18.80 -18.25 35.66
N VAL A 78 18.27 -18.62 36.82
CA VAL A 78 18.97 -19.53 37.71
C VAL A 78 19.09 -20.93 37.12
N ALA A 79 18.27 -21.25 36.12
CA ALA A 79 18.29 -22.54 35.45
C ALA A 79 17.76 -22.33 34.04
N PRO A 80 18.04 -23.25 33.11
CA PRO A 80 17.38 -23.19 31.80
C PRO A 80 15.91 -23.55 31.93
N LEU A 81 15.13 -23.19 30.90
CA LEU A 81 13.70 -23.45 30.93
C LEU A 81 13.39 -24.94 31.07
N ALA A 82 14.31 -25.81 30.64
CA ALA A 82 14.14 -27.24 30.76
C ALA A 82 15.52 -27.89 30.80
N PRO A 83 15.65 -29.08 31.40
CA PRO A 83 16.98 -29.70 31.52
C PRO A 83 17.60 -29.97 30.15
N GLU A 84 18.92 -29.87 30.11
CA GLU A 84 19.66 -30.15 28.87
C GLU A 84 19.50 -31.61 28.49
N GLY A 85 19.22 -31.87 27.22
CA GLY A 85 19.01 -33.21 26.72
C GLY A 85 17.61 -33.75 26.91
N SER A 86 16.73 -33.01 27.56
CA SER A 86 15.36 -33.48 27.80
C SER A 86 14.46 -33.31 26.58
N GLY A 87 14.93 -32.62 25.54
CA GLY A 87 14.10 -32.36 24.38
C GLY A 87 13.07 -31.28 24.57
N TYR A 88 13.18 -30.46 25.61
CA TYR A 88 12.19 -29.44 25.94
C TYR A 88 12.85 -28.07 25.99
N PRO A 89 12.09 -26.99 25.76
CA PRO A 89 10.65 -26.93 25.44
C PRO A 89 10.27 -27.58 24.11
N SER A 90 9.04 -28.09 24.05
CA SER A 90 8.49 -28.72 22.86
C SER A 90 7.60 -27.72 22.12
N PHE A 91 7.78 -27.62 20.80
CA PHE A 91 7.03 -26.63 20.03
C PHE A 91 5.52 -26.86 20.13
N TRP A 92 5.10 -28.13 20.05
CA TRP A 92 3.67 -28.43 20.10
C TRP A 92 3.06 -28.05 21.45
N ASN A 93 3.79 -28.30 22.54
CA ASN A 93 3.30 -27.88 23.86
C ASN A 93 3.13 -26.37 23.95
N VAL A 94 4.13 -25.63 23.46
CA VAL A 94 4.07 -24.17 23.47
C VAL A 94 2.87 -23.69 22.66
N LEU A 95 2.67 -24.27 21.48
CA LEU A 95 1.58 -23.85 20.60
C LEU A 95 0.22 -24.13 21.23
N ILE A 96 0.05 -25.33 21.80
CA ILE A 96 -1.23 -25.69 22.40
C ILE A 96 -1.54 -24.79 23.58
N ILE A 97 -0.54 -24.54 24.43
CA ILE A 97 -0.76 -23.67 25.59
C ILE A 97 -1.14 -22.27 25.14
N GLU A 98 -0.45 -21.75 24.13
CA GLU A 98 -0.79 -20.40 23.65
C GLU A 98 -2.20 -20.36 23.11
N ILE A 99 -2.58 -21.36 22.31
CA ILE A 99 -3.93 -21.38 21.75
C ILE A 99 -4.96 -21.38 22.87
N VAL A 100 -4.80 -22.28 23.84
CA VAL A 100 -5.79 -22.37 24.91
C VAL A 100 -5.87 -21.07 25.69
N LEU A 101 -4.74 -20.59 26.22
CA LEU A 101 -4.77 -19.44 27.12
C LEU A 101 -5.18 -18.16 26.40
N VAL A 102 -4.51 -17.84 25.29
CA VAL A 102 -4.79 -16.58 24.62
C VAL A 102 -6.17 -16.62 23.96
N GLY A 103 -6.54 -17.76 23.36
CA GLY A 103 -7.87 -17.88 22.80
C GLY A 103 -8.96 -17.68 23.84
N ALA A 104 -8.80 -18.29 25.01
CA ALA A 104 -9.78 -18.10 26.08
C ALA A 104 -9.84 -16.64 26.52
N ALA A 105 -8.67 -16.00 26.69
CA ALA A 105 -8.68 -14.60 27.12
C ALA A 105 -9.36 -13.69 26.11
N GLU A 106 -9.04 -13.87 24.83
CA GLU A 106 -9.65 -13.05 23.79
C GLU A 106 -11.15 -13.31 23.68
N ALA A 107 -11.57 -14.58 23.81
CA ALA A 107 -12.99 -14.89 23.78
C ALA A 107 -13.73 -14.24 24.94
N TYR A 108 -13.15 -14.29 26.14
CA TYR A 108 -13.77 -13.63 27.29
C TYR A 108 -13.87 -12.13 27.07
N ARG A 109 -12.82 -11.52 26.53
CA ARG A 109 -12.81 -10.07 26.33
C ARG A 109 -13.82 -9.64 25.27
N THR A 110 -13.97 -10.42 24.21
CA THR A 110 -14.79 -10.02 23.06
C THR A 110 -16.22 -10.52 23.13
N GLY A 111 -16.60 -11.25 24.18
CA GLY A 111 -17.95 -11.74 24.29
C GLY A 111 -18.27 -12.98 23.47
N ILE A 112 -17.26 -13.62 22.87
CA ILE A 112 -17.49 -14.89 22.19
C ILE A 112 -17.98 -15.93 23.18
N SER A 113 -17.40 -15.95 24.38
CA SER A 113 -17.88 -16.79 25.46
C SER A 113 -18.14 -15.92 26.69
N ASP A 114 -19.07 -16.36 27.52
CA ASP A 114 -19.47 -15.59 28.69
C ASP A 114 -18.34 -15.51 29.71
N SER A 115 -18.30 -14.41 30.45
CA SER A 115 -17.22 -14.15 31.37
C SER A 115 -17.23 -15.16 32.52
N PRO A 116 -16.05 -15.58 33.01
CA PRO A 116 -16.01 -16.46 34.18
C PRO A 116 -16.32 -15.77 35.49
N PHE A 117 -16.28 -14.44 35.54
CA PHE A 117 -16.60 -13.68 36.75
C PHE A 117 -18.04 -13.19 36.68
N ASP A 118 -18.52 -12.69 37.83
CA ASP A 118 -19.88 -12.15 37.90
C ASP A 118 -19.84 -10.71 38.39
N ASP A 119 -18.87 -9.93 37.90
CA ASP A 119 -18.68 -8.56 38.32
C ASP A 119 -19.37 -7.56 37.42
N GLY A 120 -20.00 -8.02 36.33
CA GLY A 120 -20.71 -7.12 35.46
C GLY A 120 -19.86 -6.23 34.58
N LEU A 121 -18.60 -6.59 34.34
CA LEU A 121 -17.77 -5.85 33.40
C LEU A 121 -18.40 -5.86 32.01
N THR A 122 -18.29 -4.74 31.31
CA THR A 122 -18.96 -4.55 30.03
C THR A 122 -18.06 -5.01 28.88
N VAL A 123 -18.60 -5.87 28.02
CA VAL A 123 -17.86 -6.26 26.82
C VAL A 123 -17.88 -5.10 25.83
N GLY A 124 -16.70 -4.74 25.32
CA GLY A 124 -16.54 -3.59 24.45
C GLY A 124 -15.96 -2.36 25.14
N ASP A 125 -15.84 -2.39 26.45
CA ASP A 125 -15.24 -1.29 27.21
C ASP A 125 -13.75 -1.57 27.36
N VAL A 126 -12.92 -0.82 26.63
CA VAL A 126 -11.47 -1.05 26.69
C VAL A 126 -10.84 -0.51 27.96
N ASN A 127 -11.60 0.16 28.82
CA ASN A 127 -11.12 0.65 30.11
C ASN A 127 -12.07 0.17 31.19
N PRO A 128 -12.13 -1.16 31.44
CA PRO A 128 -13.15 -1.68 32.35
C PRO A 128 -12.85 -1.41 33.82
N GLY A 129 -11.57 -1.38 34.19
CA GLY A 129 -11.25 -1.19 35.59
C GLY A 129 -11.63 -2.41 36.42
N GLY A 130 -12.01 -2.15 37.67
CA GLY A 130 -12.33 -3.23 38.58
C GLY A 130 -11.13 -4.12 38.84
N ARG A 131 -11.27 -5.42 38.55
CA ARG A 131 -10.15 -6.34 38.74
C ARG A 131 -8.99 -6.04 37.80
N PHE A 132 -9.22 -5.32 36.71
CA PHE A 132 -8.17 -4.96 35.77
C PHE A 132 -7.48 -3.65 36.14
N ASP A 133 -7.85 -3.06 37.27
CA ASP A 133 -7.07 -2.00 37.91
C ASP A 133 -6.88 -2.40 39.38
N PRO A 134 -6.12 -3.47 39.63
CA PRO A 134 -6.03 -3.99 41.00
C PRO A 134 -5.40 -3.01 41.99
N LEU A 135 -4.46 -2.18 41.55
CA LEU A 135 -3.85 -1.20 42.44
C LEU A 135 -4.66 0.07 42.57
N GLY A 136 -5.77 0.19 41.85
CA GLY A 136 -6.66 1.33 41.97
C GLY A 136 -6.07 2.67 41.56
N LEU A 137 -5.23 2.67 40.51
CA LEU A 137 -4.64 3.92 40.05
C LEU A 137 -5.67 4.82 39.38
N ALA A 138 -6.66 4.22 38.70
CA ALA A 138 -7.64 5.01 37.96
C ALA A 138 -8.57 5.79 38.89
N GLU A 139 -8.76 5.33 40.12
CA GLU A 139 -9.58 6.05 41.08
C GLU A 139 -8.78 6.93 42.02
N SER A 140 -7.51 6.64 42.23
CA SER A 140 -6.65 7.51 43.03
C SER A 140 -6.16 8.72 42.26
N GLY A 141 -6.04 8.62 40.93
CA GLY A 141 -5.61 9.70 40.10
C GLY A 141 -6.73 10.26 39.24
N ASP A 142 -6.33 10.96 38.17
CA ASP A 142 -7.28 11.53 37.23
C ASP A 142 -7.47 10.57 36.06
N LEU A 143 -8.67 9.99 35.97
CA LEU A 143 -8.92 8.95 34.98
C LEU A 143 -8.78 9.47 33.55
N GLU A 144 -9.32 10.66 33.27
CA GLU A 144 -9.25 11.18 31.90
C GLU A 144 -7.81 11.49 31.50
N GLU A 145 -7.03 12.07 32.41
CA GLU A 145 -5.62 12.33 32.13
C GLU A 145 -4.86 11.03 31.89
N LEU A 146 -5.12 10.01 32.70
CA LEU A 146 -4.44 8.73 32.52
C LEU A 146 -4.83 8.09 31.19
N LYS A 147 -6.10 8.20 30.80
CA LYS A 147 -6.51 7.66 29.50
C LYS A 147 -5.81 8.39 28.36
N ILE A 148 -5.63 9.71 28.48
CA ILE A 148 -4.92 10.45 27.44
C ILE A 148 -3.46 10.03 27.36
N LYS A 149 -2.81 9.86 28.52
CA LYS A 149 -1.43 9.38 28.53
C LYS A 149 -1.33 8.00 27.87
N GLU A 150 -2.29 7.11 28.19
CA GLU A 150 -2.30 5.78 27.60
C GLU A 150 -2.48 5.84 26.08
N LEU A 151 -3.40 6.68 25.60
CA LEU A 151 -3.62 6.80 24.17
C LEU A 151 -2.37 7.32 23.45
N LYS A 152 -1.70 8.30 24.05
CA LYS A 152 -0.47 8.80 23.45
C LYS A 152 0.60 7.72 23.38
N HIS A 153 0.77 6.94 24.46
CA HIS A 153 1.74 5.86 24.42
C HIS A 153 1.35 4.80 23.37
N CYS A 154 0.04 4.56 23.21
CA CYS A 154 -0.43 3.64 22.17
C CYS A 154 0.01 4.10 20.78
N ARG A 155 -0.28 5.36 20.44
CA ARG A 155 0.06 5.87 19.12
C ARG A 155 1.57 5.88 18.88
N LEU A 156 2.33 6.33 19.89
CA LEU A 156 3.78 6.37 19.76
C LEU A 156 4.37 4.97 19.53
N SER A 157 3.93 3.99 20.32
CA SER A 157 4.45 2.64 20.15
C SER A 157 4.09 2.08 18.78
N MET A 158 2.86 2.34 18.30
CA MET A 158 2.49 1.83 16.98
C MET A 158 3.37 2.41 15.88
N PHE A 159 3.63 3.73 15.93
CA PHE A 159 4.51 4.33 14.94
C PHE A 159 5.93 3.76 15.03
N ALA A 160 6.42 3.55 16.25
CA ALA A 160 7.74 2.94 16.41
C ALA A 160 7.78 1.53 15.83
N TRP A 161 6.68 0.79 15.95
CA TRP A 161 6.63 -0.56 15.37
C TRP A 161 6.67 -0.50 13.85
N LEU A 162 5.95 0.47 13.24
CA LEU A 162 6.05 0.66 11.80
C LEU A 162 7.50 0.94 11.39
N GLY A 163 8.18 1.75 12.19
CA GLY A 163 9.60 1.97 11.98
C GLY A 163 10.42 0.69 12.07
N CYS A 164 10.11 -0.17 13.06
CA CYS A 164 10.83 -1.43 13.18
C CYS A 164 10.64 -2.30 11.95
N ILE A 165 9.41 -2.36 11.42
CA ILE A 165 9.14 -3.16 10.23
C ILE A 165 10.02 -2.67 9.08
N PHE A 166 9.98 -1.37 8.79
CA PHE A 166 10.67 -0.92 7.59
C PHE A 166 12.18 -0.85 7.78
N GLN A 167 12.66 -0.58 9.00
CA GLN A 167 14.09 -0.65 9.27
C GLN A 167 14.61 -2.07 9.11
N ALA A 168 13.84 -3.07 9.54
CA ALA A 168 14.23 -4.45 9.29
C ALA A 168 14.34 -4.74 7.80
N LEU A 169 13.34 -4.28 7.02
CA LEU A 169 13.39 -4.51 5.59
C LEU A 169 14.58 -3.81 4.93
N ALA A 170 14.91 -2.60 5.39
CA ALA A 170 15.88 -1.77 4.70
C ALA A 170 17.32 -2.02 5.13
N THR A 171 17.54 -2.50 6.35
CA THR A 171 18.90 -2.66 6.88
C THR A 171 19.28 -4.11 7.16
N GLN A 172 18.31 -5.01 7.31
CA GLN A 172 18.58 -6.42 7.63
C GLN A 172 19.34 -6.58 8.95
N GLU A 173 19.19 -5.62 9.85
CA GLU A 173 19.79 -5.64 11.17
C GLU A 173 18.70 -5.37 12.20
N GLY A 174 19.00 -5.68 13.46
CA GLY A 174 18.10 -5.41 14.54
C GLY A 174 17.92 -3.92 14.79
N PRO A 175 16.78 -3.52 15.37
CA PRO A 175 16.56 -2.10 15.66
C PRO A 175 17.58 -1.51 16.63
N ILE A 176 18.02 -2.30 17.62
CA ILE A 176 19.03 -1.80 18.54
C ILE A 176 20.35 -1.58 17.83
N ALA A 177 20.68 -2.45 16.86
CA ALA A 177 21.88 -2.25 16.06
C ALA A 177 21.78 -0.97 15.22
N ASN A 178 20.59 -0.69 14.68
CA ASN A 178 20.37 0.58 14.00
C ASN A 178 20.61 1.76 14.94
N TRP A 179 20.08 1.66 16.16
CA TRP A 179 20.25 2.74 17.13
C TRP A 179 21.72 2.98 17.46
N GLN A 180 22.47 1.90 17.70
CA GLN A 180 23.90 2.06 17.98
C GLN A 180 24.65 2.66 16.81
N SER A 181 24.36 2.19 15.59
CA SER A 181 25.06 2.73 14.42
C SER A 181 24.75 4.20 14.23
N HIS A 182 23.49 4.62 14.45
CA HIS A 182 23.15 6.04 14.32
C HIS A 182 23.86 6.88 15.37
N VAL A 183 23.76 6.48 16.65
CA VAL A 183 24.33 7.35 17.68
C VAL A 183 25.85 7.40 17.60
N ALA A 184 26.49 6.33 17.11
CA ALA A 184 27.94 6.35 16.99
C ALA A 184 28.41 7.40 15.97
N ASP A 185 27.66 7.58 14.87
CA ASP A 185 28.01 8.52 13.81
C ASP A 185 26.76 8.96 13.06
N PRO A 186 25.96 9.87 13.61
CA PRO A 186 24.64 10.15 13.02
C PRO A 186 24.69 10.77 11.63
N VAL A 187 25.71 11.55 11.32
CA VAL A 187 25.81 12.14 9.99
C VAL A 187 26.00 11.06 8.92
N HIS A 188 26.75 10.01 9.25
CA HIS A 188 27.13 9.00 8.29
C HIS A 188 26.39 7.66 8.45
N SER A 189 25.41 7.57 9.33
CA SER A 189 24.65 6.34 9.51
C SER A 189 23.17 6.72 9.74
N ASN A 190 22.43 6.81 8.65
CA ASN A 190 21.02 7.20 8.70
C ASN A 190 20.34 6.66 7.44
N VAL A 191 19.06 6.99 7.26
CA VAL A 191 18.29 6.42 6.15
C VAL A 191 18.82 6.92 4.81
N LEU A 192 19.29 8.18 4.76
CA LEU A 192 19.77 8.71 3.48
C LEU A 192 21.08 8.06 3.04
N THR A 193 22.00 7.83 3.99
CA THR A 193 23.24 7.14 3.64
C THR A 193 22.98 5.68 3.30
N ASN A 194 22.01 5.06 3.97
CA ASN A 194 21.61 3.70 3.62
C ASN A 194 21.00 3.64 2.23
N ALA A 195 20.19 4.65 1.89
CA ALA A 195 19.60 4.72 0.56
C ALA A 195 20.65 4.93 -0.52
N ALA A 196 21.67 5.74 -0.24
CA ALA A 196 22.77 5.91 -1.20
C ALA A 196 23.48 4.58 -1.45
N LYS A 197 23.51 3.69 -0.48
CA LYS A 197 24.08 2.37 -0.68
C LYS A 197 23.11 1.40 -1.33
N GLY A 198 21.84 1.77 -1.50
CA GLY A 198 20.88 0.94 -2.18
C GLY A 198 20.04 0.04 -1.30
N PHE A 199 20.09 0.20 0.02
CA PHE A 199 19.33 -0.62 0.97
C PHE A 199 19.63 -2.11 0.81
N GLY A 200 20.81 -2.43 0.28
CA GLY A 200 21.20 -3.80 0.05
C GLY A 200 20.65 -4.43 -1.22
N PHE A 201 19.89 -3.69 -2.03
CA PHE A 201 19.31 -4.27 -3.23
C PHE A 201 19.65 -3.47 -4.48
N TYR A 202 19.81 -2.16 -4.35
CA TYR A 202 20.16 -1.31 -5.48
C TYR A 202 21.63 -0.93 -5.40
N ALA B 1 -26.65 -13.66 9.27
CA ALA B 1 -27.20 -14.44 10.37
C ALA B 1 -27.62 -15.82 9.90
N ASP B 2 -28.78 -15.90 9.25
CA ASP B 2 -29.28 -17.16 8.72
C ASP B 2 -28.56 -17.56 7.43
N ILE B 3 -28.53 -16.66 6.46
CA ILE B 3 -27.94 -16.97 5.16
C ILE B 3 -26.48 -16.52 5.06
N TYR B 4 -26.05 -15.58 5.91
CA TYR B 4 -24.68 -15.09 5.91
C TYR B 4 -24.14 -15.08 7.34
N PRO B 5 -23.91 -16.26 7.94
CA PRO B 5 -23.35 -16.28 9.30
C PRO B 5 -21.88 -15.91 9.36
N GLU B 6 -21.16 -15.99 8.23
CA GLU B 6 -19.74 -15.66 8.17
C GLU B 6 -19.50 -14.20 8.55
N PHE B 7 -18.23 -13.84 8.78
CA PHE B 7 -17.87 -12.47 9.10
C PHE B 7 -18.33 -11.50 8.02
N GLY B 8 -18.89 -10.37 8.45
CA GLY B 8 -19.41 -9.39 7.52
C GLY B 8 -20.83 -9.66 7.12
N THR B 9 -21.28 -8.89 6.12
CA THR B 9 -22.63 -9.03 5.60
C THR B 9 -22.60 -8.70 4.11
N TYR B 10 -23.78 -8.68 3.49
CA TYR B 10 -23.99 -8.38 2.09
C TYR B 10 -24.71 -7.04 1.94
N PRO B 11 -24.53 -6.35 0.81
CA PRO B 11 -25.25 -5.08 0.61
C PRO B 11 -26.74 -5.27 0.70
N GLY B 12 -27.39 -4.36 1.43
CA GLY B 12 -28.77 -4.53 1.81
C GLY B 12 -29.01 -5.47 2.97
N GLY B 13 -27.95 -5.97 3.60
CA GLY B 13 -28.08 -6.94 4.67
C GLY B 13 -27.56 -6.49 6.01
N GLY B 14 -27.08 -5.25 6.10
CA GLY B 14 -26.59 -4.77 7.38
C GLY B 14 -25.48 -3.75 7.17
N GLU B 15 -24.69 -3.59 8.23
CA GLU B 15 -23.59 -2.62 8.24
C GLU B 15 -22.27 -3.33 8.00
N SER B 16 -21.42 -2.70 7.20
CA SER B 16 -20.09 -3.22 6.93
C SER B 16 -19.25 -3.19 8.20
N PRO B 17 -18.41 -4.20 8.45
CA PRO B 17 -17.67 -4.23 9.73
C PRO B 17 -16.57 -3.21 9.83
N ILE B 18 -15.83 -2.97 8.74
CA ILE B 18 -14.61 -2.17 8.80
C ILE B 18 -14.65 -1.00 7.84
N ILE B 19 -14.79 -1.26 6.55
CA ILE B 19 -14.84 -0.22 5.53
C ILE B 19 -16.30 0.15 5.28
N PRO B 20 -16.71 1.39 5.53
CA PRO B 20 -18.15 1.73 5.46
C PRO B 20 -18.72 1.58 4.06
N PHE B 21 -19.96 1.10 4.00
CA PHE B 21 -20.71 0.96 2.74
C PHE B 21 -21.46 2.26 2.52
N GLY B 22 -20.90 3.13 1.68
CA GLY B 22 -21.47 4.45 1.47
C GLY B 22 -22.03 4.69 0.09
N SER B 23 -21.52 3.98 -0.91
CA SER B 23 -21.94 4.14 -2.29
C SER B 23 -22.50 2.82 -2.81
N GLU B 24 -23.69 2.87 -3.41
CA GLU B 24 -24.28 1.69 -4.04
C GLU B 24 -23.48 1.22 -5.24
N LYS B 25 -22.79 2.13 -5.94
CA LYS B 25 -22.01 1.74 -7.11
C LYS B 25 -20.95 0.70 -6.78
N ASN B 26 -20.32 0.82 -5.61
CA ASN B 26 -19.37 -0.19 -5.17
C ASN B 26 -19.94 -1.59 -5.22
N ALA B 27 -21.23 -1.75 -4.87
CA ALA B 27 -21.85 -3.07 -4.95
C ALA B 27 -21.70 -3.66 -6.34
N GLU B 28 -22.06 -2.88 -7.38
CA GLU B 28 -21.87 -3.33 -8.75
C GLU B 28 -20.40 -3.67 -8.99
N ARG B 29 -19.50 -2.77 -8.60
CA ARG B 29 -18.08 -3.05 -8.79
C ARG B 29 -17.70 -4.38 -8.19
N GLU B 30 -18.17 -4.64 -6.97
CA GLU B 30 -17.73 -5.84 -6.26
C GLU B 30 -18.14 -7.09 -7.03
N VAL B 31 -19.31 -7.06 -7.67
CA VAL B 31 -19.75 -8.24 -8.41
C VAL B 31 -18.92 -8.41 -9.67
N ILE B 32 -18.68 -7.32 -10.41
CA ILE B 32 -17.98 -7.43 -11.68
C ILE B 32 -16.57 -7.96 -11.46
N HIS B 33 -15.80 -7.26 -10.60
CA HIS B 33 -14.52 -7.77 -10.14
C HIS B 33 -14.61 -9.25 -9.80
N GLY B 34 -15.61 -9.63 -9.00
CA GLY B 34 -15.72 -11.01 -8.57
C GLY B 34 -15.82 -11.98 -9.74
N ARG B 35 -16.68 -11.67 -10.70
CA ARG B 35 -16.83 -12.57 -11.85
C ARG B 35 -15.49 -12.75 -12.55
N TRP B 36 -14.79 -11.65 -12.79
CA TRP B 36 -13.48 -11.74 -13.44
C TRP B 36 -12.54 -12.59 -12.59
N ALA B 37 -12.53 -12.35 -11.28
CA ALA B 37 -11.63 -13.10 -10.41
C ALA B 37 -11.91 -14.58 -10.51
N MET B 38 -13.19 -14.97 -10.57
CA MET B 38 -13.48 -16.40 -10.69
C MET B 38 -12.82 -16.94 -11.94
N LEU B 39 -13.07 -16.30 -13.08
CA LEU B 39 -12.49 -16.76 -14.34
C LEU B 39 -10.97 -16.74 -14.26
N GLY B 40 -10.42 -15.77 -13.52
CA GLY B 40 -8.98 -15.72 -13.37
C GLY B 40 -8.46 -16.93 -12.63
N VAL B 41 -8.97 -17.18 -11.43
CA VAL B 41 -8.37 -18.22 -10.59
C VAL B 41 -8.49 -19.57 -11.30
N THR B 42 -9.73 -19.94 -11.64
CA THR B 42 -9.97 -21.13 -12.44
C THR B 42 -8.96 -21.22 -13.58
N GLY B 43 -8.89 -20.17 -14.41
CA GLY B 43 -8.01 -20.20 -15.56
C GLY B 43 -6.59 -20.55 -15.16
N ALA B 44 -6.02 -19.79 -14.23
CA ALA B 44 -4.65 -20.06 -13.80
C ALA B 44 -4.54 -21.51 -13.36
N TRP B 45 -5.42 -21.91 -12.45
CA TRP B 45 -5.49 -23.28 -11.97
C TRP B 45 -5.45 -24.25 -13.15
N ALA B 46 -6.46 -24.15 -14.02
CA ALA B 46 -6.60 -25.15 -15.08
C ALA B 46 -5.36 -25.15 -15.95
N ALA B 47 -4.87 -23.95 -16.32
CA ALA B 47 -3.78 -23.90 -17.27
C ALA B 47 -2.54 -24.56 -16.68
N GLU B 48 -2.27 -24.31 -15.40
CA GLU B 48 -1.07 -24.91 -14.81
C GLU B 48 -1.21 -26.41 -14.72
N ASN B 49 -2.44 -26.92 -14.55
CA ASN B 49 -2.62 -28.36 -14.53
C ASN B 49 -2.43 -28.94 -15.92
N GLY B 50 -2.73 -28.15 -16.96
CA GLY B 50 -2.69 -28.69 -18.31
C GLY B 50 -1.33 -28.58 -18.98
N THR B 51 -0.61 -27.49 -18.71
CA THR B 51 0.65 -27.22 -19.38
C THR B 51 1.85 -27.12 -18.45
N GLY B 52 1.64 -26.91 -17.16
CA GLY B 52 2.75 -26.67 -16.25
C GLY B 52 3.28 -25.25 -16.27
N ILE B 53 2.68 -24.35 -17.03
CA ILE B 53 3.17 -22.99 -17.17
C ILE B 53 2.41 -22.10 -16.17
N PRO B 54 3.10 -21.42 -15.26
CA PRO B 54 2.41 -20.53 -14.32
C PRO B 54 1.77 -19.34 -15.02
N TRP B 55 0.67 -18.86 -14.42
CA TRP B 55 -0.14 -17.82 -15.05
C TRP B 55 0.63 -16.53 -15.25
N PHE B 56 1.55 -16.22 -14.33
CA PHE B 56 2.21 -14.91 -14.37
C PHE B 56 3.34 -14.84 -15.39
N THR B 57 3.71 -15.95 -16.05
CA THR B 57 4.66 -15.90 -17.16
C THR B 57 4.07 -16.35 -18.49
N ALA B 58 2.77 -16.65 -18.56
CA ALA B 58 2.19 -17.17 -19.79
C ALA B 58 2.19 -16.15 -20.91
N GLY B 59 2.20 -14.86 -20.56
CA GLY B 59 2.19 -13.81 -21.56
C GLY B 59 3.38 -13.86 -22.52
N THR B 60 4.54 -14.32 -22.05
CA THR B 60 5.73 -14.42 -22.89
C THR B 60 5.56 -15.35 -24.08
N LEU B 61 4.56 -16.24 -24.05
CA LEU B 61 4.31 -17.16 -25.16
C LEU B 61 3.78 -16.47 -26.41
N CYS B 62 3.22 -15.27 -26.29
CA CYS B 62 2.56 -14.60 -27.41
C CYS B 62 2.97 -13.13 -27.42
N THR B 63 3.88 -12.77 -28.32
CA THR B 63 4.35 -11.42 -28.54
C THR B 63 4.38 -11.17 -30.03
N PRO B 64 4.51 -9.91 -30.46
CA PRO B 64 4.64 -9.64 -31.90
C PRO B 64 5.80 -10.36 -32.56
N ASP B 65 6.87 -10.68 -31.81
CA ASP B 65 7.95 -11.47 -32.37
C ASP B 65 7.50 -12.89 -32.72
N ASP B 66 6.72 -13.52 -31.84
CA ASP B 66 6.27 -14.88 -32.08
C ASP B 66 5.09 -15.21 -31.16
N CYS B 67 4.04 -15.80 -31.74
CA CYS B 67 2.93 -16.32 -30.96
C CYS B 67 2.61 -17.77 -31.33
N THR B 68 3.50 -18.47 -32.04
CA THR B 68 3.23 -19.84 -32.43
C THR B 68 3.36 -20.83 -31.28
N ALA B 69 4.03 -20.46 -30.18
CA ALA B 69 4.27 -21.41 -29.10
C ALA B 69 3.00 -21.83 -28.38
N VAL B 70 1.92 -21.04 -28.49
CA VAL B 70 0.65 -21.40 -27.87
C VAL B 70 -0.17 -22.36 -28.73
N ALA B 71 0.25 -22.59 -29.98
CA ALA B 71 -0.60 -23.32 -30.91
C ALA B 71 -0.88 -24.75 -30.45
N ASP B 72 0.07 -25.39 -29.77
CA ASP B 72 -0.05 -26.79 -29.38
C ASP B 72 -0.25 -26.98 -27.88
N LYS B 73 -0.69 -25.94 -27.17
CA LYS B 73 -0.72 -26.01 -25.72
C LYS B 73 -1.96 -26.71 -25.15
N PHE B 74 -3.10 -26.60 -25.82
CA PHE B 74 -4.36 -27.01 -25.20
C PHE B 74 -4.48 -28.52 -25.14
N PRO B 75 -4.72 -29.10 -23.96
CA PRO B 75 -4.66 -30.56 -23.81
C PRO B 75 -5.77 -31.29 -24.56
N GLY B 76 -5.37 -32.37 -25.24
CA GLY B 76 -6.29 -33.23 -25.95
C GLY B 76 -6.76 -32.70 -27.29
N ALA B 77 -6.32 -31.51 -27.69
CA ALA B 77 -6.84 -30.89 -28.91
C ALA B 77 -6.54 -31.75 -30.13
N VAL B 78 -7.55 -31.93 -30.98
CA VAL B 78 -7.41 -32.81 -32.13
C VAL B 78 -6.43 -32.25 -33.16
N ALA B 79 -6.16 -30.95 -33.11
CA ALA B 79 -5.22 -30.30 -34.01
C ALA B 79 -4.67 -29.07 -33.30
N PRO B 80 -3.53 -28.53 -33.74
CA PRO B 80 -3.06 -27.26 -33.19
C PRO B 80 -3.93 -26.11 -33.67
N LEU B 81 -3.82 -24.99 -32.96
CA LEU B 81 -4.63 -23.81 -33.29
C LEU B 81 -4.38 -23.33 -34.71
N ALA B 82 -3.20 -23.58 -35.25
CA ALA B 82 -2.87 -23.25 -36.63
C ALA B 82 -1.83 -24.26 -37.12
N PRO B 83 -1.70 -24.44 -38.44
CA PRO B 83 -0.73 -25.42 -38.95
C PRO B 83 0.69 -25.04 -38.58
N GLU B 84 1.59 -26.02 -38.61
CA GLU B 84 2.99 -25.84 -38.26
C GLU B 84 3.67 -25.12 -39.42
N GLY B 85 4.41 -24.05 -39.11
CA GLY B 85 5.09 -23.27 -40.10
C GLY B 85 4.27 -22.19 -40.76
N SER B 86 3.00 -22.06 -40.43
CA SER B 86 2.15 -21.02 -41.00
C SER B 86 2.37 -19.66 -40.36
N GLY B 87 3.14 -19.59 -39.27
CA GLY B 87 3.33 -18.34 -38.58
C GLY B 87 2.14 -17.87 -37.79
N TYR B 88 1.23 -18.76 -37.42
CA TYR B 88 0.02 -18.41 -36.71
C TYR B 88 -0.09 -19.25 -35.44
N PRO B 89 -0.76 -18.73 -34.40
CA PRO B 89 -1.46 -17.45 -34.30
C PRO B 89 -0.54 -16.22 -34.41
N SER B 90 -1.07 -15.15 -34.99
CA SER B 90 -0.36 -13.88 -35.09
C SER B 90 -0.79 -12.98 -33.94
N PHE B 91 0.18 -12.35 -33.27
CA PHE B 91 -0.11 -11.55 -32.09
C PHE B 91 -1.07 -10.42 -32.42
N TRP B 92 -0.84 -9.73 -33.53
CA TRP B 92 -1.67 -8.58 -33.89
C TRP B 92 -3.12 -8.98 -34.15
N ASN B 93 -3.34 -10.13 -34.79
CA ASN B 93 -4.70 -10.63 -34.99
C ASN B 93 -5.40 -10.88 -33.65
N VAL B 94 -4.69 -11.55 -32.73
CA VAL B 94 -5.25 -11.82 -31.41
C VAL B 94 -5.61 -10.50 -30.71
N LEU B 95 -4.71 -9.52 -30.77
CA LEU B 95 -4.94 -8.25 -30.09
C LEU B 95 -6.10 -7.48 -30.68
N ILE B 96 -6.18 -7.42 -32.01
CA ILE B 96 -7.28 -6.70 -32.67
C ILE B 96 -8.61 -7.36 -32.35
N ILE B 97 -8.66 -8.70 -32.40
CA ILE B 97 -9.90 -9.41 -32.08
C ILE B 97 -10.33 -9.13 -30.65
N GLU B 98 -9.38 -9.20 -29.71
CA GLU B 98 -9.73 -8.96 -28.31
C GLU B 98 -10.26 -7.55 -28.12
N ILE B 99 -9.57 -6.56 -28.69
CA ILE B 99 -10.01 -5.18 -28.55
C ILE B 99 -11.44 -5.04 -29.07
N VAL B 100 -11.70 -5.52 -30.29
CA VAL B 100 -13.03 -5.34 -30.88
C VAL B 100 -14.09 -6.04 -30.03
N LEU B 101 -13.91 -7.33 -29.75
CA LEU B 101 -14.97 -8.09 -29.10
C LEU B 101 -15.19 -7.63 -27.66
N VAL B 102 -14.12 -7.57 -26.86
CA VAL B 102 -14.28 -7.23 -25.45
C VAL B 102 -14.66 -5.77 -25.30
N GLY B 103 -14.07 -4.87 -26.10
CA GLY B 103 -14.48 -3.48 -26.06
C GLY B 103 -15.95 -3.29 -26.37
N ALA B 104 -16.45 -3.97 -27.41
CA ALA B 104 -17.87 -3.89 -27.71
C ALA B 104 -18.73 -4.42 -26.57
N ALA B 105 -18.34 -5.56 -25.99
CA ALA B 105 -19.14 -6.13 -24.90
C ALA B 105 -19.18 -5.19 -23.71
N GLU B 106 -18.03 -4.63 -23.32
CA GLU B 106 -17.98 -3.71 -22.18
C GLU B 106 -18.75 -2.42 -22.47
N ALA B 107 -18.67 -1.92 -23.70
CA ALA B 107 -19.42 -0.72 -24.05
C ALA B 107 -20.92 -0.97 -23.98
N TYR B 108 -21.38 -2.12 -24.48
CA TYR B 108 -22.79 -2.46 -24.37
C TYR B 108 -23.22 -2.60 -22.91
N ARG B 109 -22.39 -3.23 -22.08
CA ARG B 109 -22.75 -3.43 -20.68
C ARG B 109 -22.81 -2.11 -19.92
N THR B 110 -21.89 -1.21 -20.17
CA THR B 110 -21.75 0.00 -19.37
C THR B 110 -22.51 1.20 -19.92
N GLY B 111 -23.22 1.05 -21.04
CA GLY B 111 -23.98 2.16 -21.61
C GLY B 111 -23.19 3.12 -22.47
N ILE B 112 -21.92 2.83 -22.76
CA ILE B 112 -21.16 3.68 -23.68
C ILE B 112 -21.78 3.64 -25.06
N SER B 113 -22.19 2.47 -25.51
CA SER B 113 -22.91 2.31 -26.77
C SER B 113 -24.28 1.71 -26.50
N ASP B 114 -25.25 2.07 -27.34
CA ASP B 114 -26.60 1.55 -27.17
C ASP B 114 -26.65 0.06 -27.44
N SER B 115 -27.54 -0.62 -26.73
CA SER B 115 -27.60 -2.07 -26.78
C SER B 115 -28.06 -2.54 -28.16
N PRO B 116 -27.52 -3.64 -28.67
CA PRO B 116 -27.99 -4.18 -29.94
C PRO B 116 -29.34 -4.87 -29.87
N PHE B 117 -29.81 -5.22 -28.68
CA PHE B 117 -31.11 -5.85 -28.51
C PHE B 117 -32.15 -4.80 -28.12
N ASP B 118 -33.42 -5.21 -28.16
CA ASP B 118 -34.51 -4.31 -27.77
C ASP B 118 -35.32 -4.93 -26.64
N ASP B 119 -34.64 -5.58 -25.70
CA ASP B 119 -35.29 -6.28 -24.60
C ASP B 119 -35.46 -5.42 -23.36
N GLY B 120 -34.93 -4.19 -23.35
CA GLY B 120 -35.09 -3.32 -22.22
C GLY B 120 -34.27 -3.65 -21.00
N LEU B 121 -33.18 -4.41 -21.16
CA LEU B 121 -32.29 -4.68 -20.03
C LEU B 121 -31.70 -3.37 -19.50
N THR B 122 -31.53 -3.30 -18.19
CA THR B 122 -31.11 -2.07 -17.52
C THR B 122 -29.60 -2.02 -17.40
N VAL B 123 -29.02 -0.88 -17.81
CA VAL B 123 -27.59 -0.65 -17.60
C VAL B 123 -27.34 -0.31 -16.14
N GLY B 124 -26.36 -0.98 -15.53
CA GLY B 124 -26.08 -0.86 -14.12
C GLY B 124 -26.63 -1.98 -13.27
N ASP B 125 -27.45 -2.86 -13.83
CA ASP B 125 -28.00 -4.02 -13.13
C ASP B 125 -27.06 -5.20 -13.35
N VAL B 126 -26.32 -5.57 -12.31
CA VAL B 126 -25.35 -6.67 -12.43
C VAL B 126 -26.03 -8.04 -12.42
N ASN B 127 -27.33 -8.09 -12.21
CA ASN B 127 -28.10 -9.33 -12.29
C ASN B 127 -29.28 -9.11 -13.24
N PRO B 128 -29.01 -8.94 -14.55
CA PRO B 128 -30.09 -8.56 -15.47
C PRO B 128 -31.01 -9.70 -15.86
N GLY B 129 -30.49 -10.91 -15.97
CA GLY B 129 -31.33 -12.02 -16.38
C GLY B 129 -31.72 -11.93 -17.85
N GLY B 130 -32.92 -12.42 -18.16
CA GLY B 130 -33.37 -12.47 -19.53
C GLY B 130 -32.51 -13.40 -20.37
N ARG B 131 -31.91 -12.86 -21.43
CA ARG B 131 -31.02 -13.66 -22.26
C ARG B 131 -29.76 -14.09 -21.52
N PHE B 132 -29.41 -13.40 -20.44
CA PHE B 132 -28.23 -13.74 -19.66
C PHE B 132 -28.53 -14.76 -18.57
N ASP B 133 -29.76 -15.26 -18.50
CA ASP B 133 -30.10 -16.46 -17.73
C ASP B 133 -30.82 -17.40 -18.68
N PRO B 134 -30.15 -17.88 -19.72
CA PRO B 134 -30.84 -18.65 -20.77
C PRO B 134 -31.46 -19.94 -20.26
N LEU B 135 -30.85 -20.60 -19.28
CA LEU B 135 -31.42 -21.81 -18.71
C LEU B 135 -32.47 -21.53 -17.65
N GLY B 136 -32.70 -20.26 -17.31
CA GLY B 136 -33.75 -19.90 -16.37
C GLY B 136 -33.57 -20.40 -14.95
N LEU B 137 -32.33 -20.43 -14.45
CA LEU B 137 -32.10 -20.89 -13.09
C LEU B 137 -32.60 -19.88 -12.07
N ALA B 138 -32.56 -18.59 -12.40
CA ALA B 138 -32.96 -17.57 -11.43
C ALA B 138 -34.46 -17.55 -11.18
N GLU B 139 -35.25 -18.07 -12.12
CA GLU B 139 -36.69 -18.15 -11.93
C GLU B 139 -37.17 -19.52 -11.46
N SER B 140 -36.37 -20.57 -11.64
CA SER B 140 -36.72 -21.88 -11.13
C SER B 140 -36.30 -22.08 -9.69
N GLY B 141 -35.26 -21.37 -9.24
CA GLY B 141 -34.79 -21.44 -7.88
C GLY B 141 -35.08 -20.18 -7.09
N ASP B 142 -34.34 -20.00 -6.00
CA ASP B 142 -34.48 -18.83 -5.16
C ASP B 142 -33.45 -17.78 -5.58
N LEU B 143 -33.93 -16.67 -6.14
CA LEU B 143 -33.04 -15.66 -6.69
C LEU B 143 -32.14 -15.05 -5.63
N GLU B 144 -32.70 -14.72 -4.46
CA GLU B 144 -31.90 -14.08 -3.42
C GLU B 144 -30.81 -15.02 -2.89
N GLU B 145 -31.17 -16.29 -2.67
CA GLU B 145 -30.18 -17.27 -2.24
C GLU B 145 -29.07 -17.46 -3.28
N LEU B 146 -29.46 -17.52 -4.55
CA LEU B 146 -28.46 -17.67 -5.61
C LEU B 146 -27.54 -16.45 -5.67
N LYS B 147 -28.10 -15.26 -5.48
CA LYS B 147 -27.27 -14.05 -5.47
C LYS B 147 -26.28 -14.08 -4.31
N ILE B 148 -26.72 -14.56 -3.14
CA ILE B 148 -25.81 -14.66 -2.00
C ILE B 148 -24.69 -15.67 -2.28
N LYS B 149 -25.03 -16.81 -2.86
CA LYS B 149 -24.01 -17.79 -3.23
C LYS B 149 -23.01 -17.19 -4.23
N GLU B 150 -23.53 -16.44 -5.21
CA GLU B 150 -22.66 -15.78 -6.18
C GLU B 150 -21.74 -14.78 -5.51
N LEU B 151 -22.26 -13.97 -4.58
CA LEU B 151 -21.44 -12.97 -3.90
C LEU B 151 -20.34 -13.63 -3.06
N LYS B 152 -20.68 -14.73 -2.38
CA LYS B 152 -19.67 -15.44 -1.59
C LYS B 152 -18.58 -16.00 -2.49
N HIS B 153 -18.95 -16.57 -3.64
CA HIS B 153 -17.94 -17.08 -4.57
C HIS B 153 -17.09 -15.93 -5.13
N CYS B 154 -17.70 -14.77 -5.37
CA CYS B 154 -16.97 -13.58 -5.80
C CYS B 154 -15.88 -13.22 -4.80
N ARG B 155 -16.26 -13.07 -3.53
CA ARG B 155 -15.31 -12.66 -2.50
C ARG B 155 -14.22 -13.71 -2.31
N LEU B 156 -14.59 -14.99 -2.29
CA LEU B 156 -13.60 -16.06 -2.12
C LEU B 156 -12.60 -16.05 -3.26
N SER B 157 -13.07 -15.93 -4.51
CA SER B 157 -12.17 -15.94 -5.65
C SER B 157 -11.23 -14.73 -5.64
N MET B 158 -11.75 -13.56 -5.26
CA MET B 158 -10.88 -12.39 -5.20
C MET B 158 -9.78 -12.55 -4.15
N PHE B 159 -10.12 -13.07 -2.97
CA PHE B 159 -9.09 -13.30 -1.95
C PHE B 159 -8.08 -14.35 -2.40
N ALA B 160 -8.55 -15.40 -3.07
CA ALA B 160 -7.62 -16.39 -3.63
C ALA B 160 -6.68 -15.76 -4.64
N TRP B 161 -7.18 -14.85 -5.48
CA TRP B 161 -6.32 -14.17 -6.45
C TRP B 161 -5.27 -13.31 -5.76
N LEU B 162 -5.65 -12.62 -4.67
CA LEU B 162 -4.66 -11.87 -3.90
C LEU B 162 -3.56 -12.80 -3.40
N GLY B 163 -3.97 -13.97 -2.90
CA GLY B 163 -3.00 -14.98 -2.51
C GLY B 163 -2.10 -15.41 -3.66
N CYS B 164 -2.67 -15.59 -4.85
CA CYS B 164 -1.87 -15.95 -6.03
C CYS B 164 -0.83 -14.89 -6.33
N ILE B 165 -1.21 -13.61 -6.27
CA ILE B 165 -0.28 -12.53 -6.54
C ILE B 165 0.91 -12.60 -5.59
N PHE B 166 0.63 -12.67 -4.28
CA PHE B 166 1.74 -12.60 -3.35
C PHE B 166 2.53 -13.90 -3.27
N GLN B 167 1.89 -15.05 -3.51
CA GLN B 167 2.63 -16.30 -3.60
C GLN B 167 3.58 -16.28 -4.81
N ALA B 168 3.13 -15.75 -5.95
CA ALA B 168 4.03 -15.57 -7.08
C ALA B 168 5.24 -14.73 -6.68
N LEU B 169 4.99 -13.59 -6.02
CA LEU B 169 6.11 -12.73 -5.64
C LEU B 169 7.07 -13.43 -4.67
N ALA B 170 6.54 -14.18 -3.71
CA ALA B 170 7.33 -14.72 -2.62
C ALA B 170 8.03 -16.03 -2.94
N THR B 171 7.48 -16.84 -3.86
CA THR B 171 8.03 -18.17 -4.14
C THR B 171 8.56 -18.32 -5.56
N GLN B 172 8.16 -17.47 -6.50
CA GLN B 172 8.59 -17.55 -7.90
C GLN B 172 8.21 -18.89 -8.53
N GLU B 173 7.15 -19.52 -8.04
CA GLU B 173 6.63 -20.76 -8.59
C GLU B 173 5.12 -20.59 -8.81
N GLY B 174 4.56 -21.50 -9.61
CA GLY B 174 3.14 -21.50 -9.85
C GLY B 174 2.34 -21.83 -8.60
N PRO B 175 1.08 -21.36 -8.56
CA PRO B 175 0.23 -21.69 -7.40
C PRO B 175 -0.01 -23.19 -7.21
N ILE B 176 -0.16 -23.95 -8.29
CA ILE B 176 -0.35 -25.39 -8.14
C ILE B 176 0.91 -26.04 -7.58
N ALA B 177 2.08 -25.52 -7.98
CA ALA B 177 3.34 -25.99 -7.40
C ALA B 177 3.40 -25.69 -5.90
N ASN B 178 2.94 -24.50 -5.49
CA ASN B 178 2.86 -24.20 -4.06
C ASN B 178 1.95 -25.18 -3.35
N TRP B 179 0.79 -25.48 -3.94
CA TRP B 179 -0.16 -26.39 -3.31
C TRP B 179 0.43 -27.78 -3.16
N GLN B 180 1.10 -28.27 -4.21
CA GLN B 180 1.73 -29.58 -4.15
C GLN B 180 2.83 -29.62 -3.09
N SER B 181 3.65 -28.57 -3.02
CA SER B 181 4.71 -28.54 -2.01
C SER B 181 4.14 -28.51 -0.61
N HIS B 182 3.04 -27.77 -0.39
CA HIS B 182 2.44 -27.75 0.95
C HIS B 182 1.86 -29.11 1.31
N VAL B 183 1.05 -29.70 0.44
CA VAL B 183 0.39 -30.94 0.82
C VAL B 183 1.38 -32.08 0.97
N ALA B 184 2.52 -32.03 0.26
CA ALA B 184 3.53 -33.08 0.41
C ALA B 184 4.11 -33.11 1.82
N ASP B 185 4.35 -31.93 2.42
CA ASP B 185 4.96 -31.81 3.74
C ASP B 185 4.56 -30.48 4.38
N PRO B 186 3.34 -30.38 4.91
CA PRO B 186 2.82 -29.06 5.32
C PRO B 186 3.61 -28.40 6.45
N VAL B 187 4.21 -29.17 7.36
CA VAL B 187 4.96 -28.59 8.45
C VAL B 187 6.21 -27.89 7.94
N HIS B 188 6.85 -28.44 6.91
CA HIS B 188 8.13 -27.94 6.42
C HIS B 188 8.03 -27.17 5.10
N SER B 189 6.82 -26.89 4.61
CA SER B 189 6.66 -26.14 3.34
C SER B 189 5.44 -25.22 3.49
N ASN B 190 5.69 -23.98 3.89
CA ASN B 190 4.65 -22.99 4.12
C ASN B 190 5.27 -21.60 4.11
N VAL B 191 4.46 -20.59 4.44
CA VAL B 191 4.94 -19.20 4.37
C VAL B 191 6.02 -18.95 5.41
N LEU B 192 5.91 -19.57 6.60
CA LEU B 192 6.91 -19.31 7.64
C LEU B 192 8.25 -19.94 7.30
N THR B 193 8.26 -21.18 6.80
CA THR B 193 9.52 -21.79 6.35
C THR B 193 10.10 -21.05 5.15
N ASN B 194 9.24 -20.58 4.24
CA ASN B 194 9.73 -19.76 3.13
C ASN B 194 10.33 -18.45 3.63
N ALA B 195 9.73 -17.84 4.66
CA ALA B 195 10.26 -16.59 5.21
C ALA B 195 11.59 -16.83 5.91
N ALA B 196 11.74 -17.98 6.58
CA ALA B 196 13.03 -18.32 7.18
C ALA B 196 14.13 -18.43 6.11
N LYS B 197 13.76 -18.80 4.90
CA LYS B 197 14.71 -18.84 3.79
C LYS B 197 14.89 -17.50 3.11
N GLY B 198 14.12 -16.48 3.50
CA GLY B 198 14.28 -15.15 2.98
C GLY B 198 13.47 -14.81 1.75
N PHE B 199 12.51 -15.66 1.36
CA PHE B 199 11.67 -15.45 0.18
C PHE B 199 12.51 -15.25 -1.08
N GLY B 200 13.71 -15.81 -1.10
CA GLY B 200 14.60 -15.66 -2.23
C GLY B 200 15.35 -14.34 -2.31
N PHE B 201 15.22 -13.46 -1.32
CA PHE B 201 15.89 -12.17 -1.38
C PHE B 201 16.70 -11.88 -0.12
N TYR B 202 16.24 -12.36 1.03
CA TYR B 202 16.95 -12.14 2.28
C TYR B 202 17.69 -13.39 2.73
N ALA C 1 -18.28 18.17 -17.91
CA ALA C 1 -19.17 18.19 -19.07
C ALA C 1 -18.62 19.12 -20.14
N ASP C 2 -18.85 20.42 -19.98
CA ASP C 2 -18.34 21.42 -20.91
C ASP C 2 -16.85 21.68 -20.67
N ILE C 3 -16.48 22.04 -19.44
CA ILE C 3 -15.10 22.37 -19.14
C ILE C 3 -14.29 21.19 -18.61
N TYR C 4 -14.94 20.15 -18.10
CA TYR C 4 -14.26 18.97 -17.57
C TYR C 4 -14.91 17.71 -18.13
N PRO C 5 -14.75 17.44 -19.43
CA PRO C 5 -15.35 16.22 -19.99
C PRO C 5 -14.61 14.95 -19.60
N GLU C 6 -13.34 15.05 -19.20
CA GLU C 6 -12.54 13.90 -18.79
C GLU C 6 -13.17 13.17 -17.60
N PHE C 7 -12.69 11.96 -17.29
CA PHE C 7 -13.16 11.19 -16.16
C PHE C 7 -13.06 11.99 -14.87
N GLY C 8 -14.09 11.90 -14.03
CA GLY C 8 -14.12 12.64 -12.79
C GLY C 8 -14.61 14.07 -12.97
N THR C 9 -14.49 14.84 -11.90
CA THR C 9 -14.92 16.23 -11.89
C THR C 9 -13.98 17.01 -10.97
N TYR C 10 -14.32 18.27 -10.73
CA TYR C 10 -13.55 19.20 -9.91
C TYR C 10 -14.33 19.59 -8.65
N PRO C 11 -13.66 19.98 -7.57
CA PRO C 11 -14.38 20.36 -6.36
C PRO C 11 -15.35 21.50 -6.62
N GLY C 12 -16.58 21.34 -6.14
CA GLY C 12 -17.67 22.21 -6.51
C GLY C 12 -18.32 21.89 -7.83
N GLY C 13 -17.92 20.81 -8.50
CA GLY C 13 -18.42 20.51 -9.83
C GLY C 13 -19.19 19.21 -9.92
N GLY C 14 -19.39 18.52 -8.81
CA GLY C 14 -20.14 17.27 -8.84
C GLY C 14 -19.64 16.32 -7.77
N GLU C 15 -19.93 15.04 -7.99
CA GLU C 15 -19.58 13.99 -7.06
C GLU C 15 -18.31 13.27 -7.51
N SER C 16 -17.45 12.97 -6.56
CA SER C 16 -16.23 12.24 -6.87
C SER C 16 -16.59 10.82 -7.31
N PRO C 17 -15.91 10.25 -8.31
CA PRO C 17 -16.34 8.95 -8.84
C PRO C 17 -16.07 7.78 -7.91
N ILE C 18 -14.95 7.79 -7.20
CA ILE C 18 -14.51 6.62 -6.44
C ILE C 18 -14.30 6.94 -4.97
N ILE C 19 -13.39 7.87 -4.67
CA ILE C 19 -13.09 8.25 -3.29
C ILE C 19 -13.96 9.47 -2.95
N PRO C 20 -14.84 9.37 -1.96
CA PRO C 20 -15.81 10.47 -1.73
C PRO C 20 -15.14 11.78 -1.31
N PHE C 21 -15.70 12.88 -1.78
CA PHE C 21 -15.23 14.23 -1.44
C PHE C 21 -16.00 14.69 -0.21
N GLY C 22 -15.37 14.58 0.95
CA GLY C 22 -16.06 14.87 2.19
C GLY C 22 -15.53 16.07 2.94
N SER C 23 -14.25 16.39 2.77
CA SER C 23 -13.61 17.51 3.44
C SER C 23 -13.14 18.52 2.42
N GLU C 24 -13.47 19.79 2.65
CA GLU C 24 -13.00 20.87 1.80
C GLU C 24 -11.49 21.07 1.90
N LYS C 25 -10.90 20.78 3.07
CA LYS C 25 -9.47 20.92 3.26
C LYS C 25 -8.68 20.11 2.23
N ASN C 26 -9.15 18.91 1.90
CA ASN C 26 -8.48 18.11 0.88
C ASN C 26 -8.31 18.88 -0.43
N ALA C 27 -9.31 19.68 -0.82
CA ALA C 27 -9.18 20.51 -2.01
C ALA C 27 -7.91 21.37 -1.95
N GLU C 28 -7.71 22.08 -0.84
CA GLU C 28 -6.49 22.86 -0.69
C GLU C 28 -5.27 21.97 -0.81
N ARG C 29 -5.27 20.82 -0.10
CA ARG C 29 -4.15 19.91 -0.19
C ARG C 29 -3.86 19.56 -1.65
N GLU C 30 -4.91 19.26 -2.41
CA GLU C 30 -4.70 18.77 -3.78
C GLU C 30 -3.99 19.83 -4.61
N VAL C 31 -4.30 21.11 -4.37
CA VAL C 31 -3.64 22.14 -5.15
C VAL C 31 -2.17 22.26 -4.75
N ILE C 32 -1.90 22.28 -3.43
CA ILE C 32 -0.52 22.51 -2.98
C ILE C 32 0.38 21.38 -3.46
N HIS C 33 -0.03 20.13 -3.17
CA HIS C 33 0.66 18.97 -3.74
C HIS C 33 0.88 19.16 -5.24
N GLY C 34 -0.18 19.53 -5.96
CA GLY C 34 -0.07 19.64 -7.41
C GLY C 34 1.02 20.60 -7.81
N ARG C 35 1.08 21.76 -7.16
CA ARG C 35 2.08 22.75 -7.55
C ARG C 35 3.48 22.18 -7.37
N TRP C 36 3.73 21.56 -6.22
CA TRP C 36 5.04 20.97 -5.99
C TRP C 36 5.34 19.92 -7.05
N ALA C 37 4.33 19.09 -7.37
CA ALA C 37 4.53 18.04 -8.37
C ALA C 37 4.97 18.63 -9.70
N MET C 38 4.34 19.74 -10.12
CA MET C 38 4.77 20.34 -11.38
C MET C 38 6.25 20.69 -11.30
N LEU C 39 6.63 21.44 -10.26
CA LEU C 39 8.03 21.83 -10.10
C LEU C 39 8.91 20.60 -10.01
N GLY C 40 8.40 19.52 -9.42
CA GLY C 40 9.16 18.29 -9.36
C GLY C 40 9.42 17.72 -10.74
N VAL C 41 8.35 17.43 -11.48
CA VAL C 41 8.52 16.69 -12.73
C VAL C 41 9.39 17.48 -13.69
N THR C 42 9.01 18.74 -13.93
CA THR C 42 9.84 19.66 -14.70
C THR C 42 11.29 19.58 -14.25
N GLY C 43 11.54 19.83 -12.96
CA GLY C 43 12.90 19.82 -12.46
C GLY C 43 13.63 18.55 -12.86
N ALA C 44 13.06 17.39 -12.52
CA ALA C 44 13.72 16.14 -12.84
C ALA C 44 14.02 16.08 -14.32
N TRP C 45 12.97 16.29 -15.12
CA TRP C 45 13.09 16.36 -16.56
C TRP C 45 14.26 17.24 -16.96
N ALA C 46 14.21 18.52 -16.60
CA ALA C 46 15.20 19.45 -17.11
C ALA C 46 16.59 19.04 -16.66
N ALA C 47 16.71 18.62 -15.39
CA ALA C 47 18.05 18.31 -14.90
C ALA C 47 18.64 17.13 -15.65
N GLU C 48 17.82 16.11 -15.94
CA GLU C 48 18.35 14.97 -16.68
C GLU C 48 18.74 15.37 -18.09
N ASN C 49 18.03 16.34 -18.67
CA ASN C 49 18.40 16.77 -20.01
C ASN C 49 19.70 17.57 -19.98
N GLY C 50 19.99 18.22 -18.85
CA GLY C 50 21.14 19.11 -18.78
C GLY C 50 22.41 18.45 -18.32
N THR C 51 22.33 17.51 -17.37
CA THR C 51 23.49 16.89 -16.76
C THR C 51 23.56 15.38 -16.98
N GLY C 52 22.46 14.73 -17.37
CA GLY C 52 22.43 13.30 -17.45
C GLY C 52 22.27 12.58 -16.13
N ILE C 53 22.12 13.30 -15.03
CA ILE C 53 22.04 12.71 -13.69
C ILE C 53 20.57 12.50 -13.35
N PRO C 54 20.14 11.28 -13.05
CA PRO C 54 18.73 11.06 -12.69
C PRO C 54 18.37 11.73 -11.36
N TRP C 55 17.10 12.10 -11.25
CA TRP C 55 16.63 12.86 -10.09
C TRP C 55 16.80 12.08 -8.80
N PHE C 56 16.60 10.75 -8.85
CA PHE C 56 16.59 9.96 -7.62
C PHE C 56 17.97 9.67 -7.08
N THR C 57 19.04 10.06 -7.76
CA THR C 57 20.39 9.97 -7.21
C THR C 57 21.11 11.31 -7.13
N ALA C 58 20.45 12.42 -7.48
CA ALA C 58 21.12 13.71 -7.51
C ALA C 58 21.54 14.17 -6.12
N GLY C 59 20.86 13.69 -5.08
CA GLY C 59 21.20 14.07 -3.71
C GLY C 59 22.60 13.71 -3.30
N THR C 60 23.15 12.63 -3.86
CA THR C 60 24.50 12.22 -3.50
C THR C 60 25.57 13.23 -3.88
N LEU C 61 25.24 14.21 -4.70
CA LEU C 61 26.20 15.25 -5.09
C LEU C 61 26.50 16.24 -3.97
N CYS C 62 25.68 16.31 -2.93
CA CYS C 62 25.80 17.33 -1.90
C CYS C 62 25.56 16.71 -0.52
N THR C 63 26.63 16.48 0.22
CA THR C 63 26.60 15.97 1.58
C THR C 63 27.55 16.79 2.43
N PRO C 64 27.48 16.66 3.77
CA PRO C 64 28.46 17.37 4.61
C PRO C 64 29.91 17.04 4.27
N ASP C 65 30.18 15.84 3.76
CA ASP C 65 31.53 15.51 3.32
C ASP C 65 31.94 16.33 2.10
N ASP C 66 31.04 16.54 1.15
CA ASP C 66 31.38 17.24 -0.08
C ASP C 66 30.11 17.74 -0.76
N CYS C 67 30.12 19.00 -1.18
CA CYS C 67 29.08 19.55 -2.03
C CYS C 67 29.65 20.36 -3.19
N THR C 68 30.94 20.22 -3.49
CA THR C 68 31.52 20.98 -4.59
C THR C 68 31.18 20.41 -5.97
N ALA C 69 30.72 19.17 -6.06
CA ALA C 69 30.46 18.56 -7.36
C ALA C 69 29.30 19.25 -8.09
N VAL C 70 28.40 19.92 -7.37
CA VAL C 70 27.30 20.63 -7.99
C VAL C 70 27.72 21.97 -8.58
N ALA C 71 28.93 22.44 -8.28
CA ALA C 71 29.31 23.81 -8.60
C ALA C 71 29.31 24.07 -10.11
N ASP C 72 29.69 23.07 -10.91
CA ASP C 72 29.84 23.27 -12.35
C ASP C 72 28.77 22.54 -13.17
N LYS C 73 27.61 22.28 -12.59
CA LYS C 73 26.62 21.45 -13.26
C LYS C 73 25.66 22.22 -14.15
N PHE C 74 25.40 23.48 -13.86
CA PHE C 74 24.31 24.19 -14.52
C PHE C 74 24.70 24.56 -15.95
N PRO C 75 23.92 24.16 -16.96
CA PRO C 75 24.37 24.31 -18.35
C PRO C 75 24.44 25.76 -18.79
N GLY C 76 25.56 26.10 -19.44
CA GLY C 76 25.77 27.42 -19.99
C GLY C 76 26.23 28.47 -19.01
N ALA C 77 26.36 28.13 -17.73
CA ALA C 77 26.67 29.13 -16.71
C ALA C 77 28.01 29.80 -16.99
N VAL C 78 28.04 31.13 -16.84
CA VAL C 78 29.24 31.91 -17.14
C VAL C 78 30.36 31.61 -16.14
N ALA C 79 30.03 31.08 -14.97
CA ALA C 79 31.01 30.74 -13.95
C ALA C 79 30.43 29.63 -13.09
N PRO C 80 31.27 28.88 -12.37
CA PRO C 80 30.73 27.90 -11.42
C PRO C 80 30.11 28.60 -10.21
N LEU C 81 29.30 27.85 -9.47
CA LEU C 81 28.60 28.41 -8.32
C LEU C 81 29.57 28.97 -7.29
N ALA C 82 30.78 28.41 -7.20
CA ALA C 82 31.81 28.92 -6.31
C ALA C 82 33.17 28.66 -6.93
N PRO C 83 34.20 29.43 -6.56
CA PRO C 83 35.52 29.21 -7.16
C PRO C 83 36.05 27.82 -6.88
N GLU C 84 36.80 27.28 -7.84
CA GLU C 84 37.40 25.96 -7.69
C GLU C 84 38.42 25.98 -6.55
N GLY C 85 38.36 24.96 -5.70
CA GLY C 85 39.24 24.87 -4.56
C GLY C 85 38.80 25.63 -3.34
N SER C 86 37.71 26.40 -3.43
CA SER C 86 37.21 27.16 -2.29
C SER C 86 36.47 26.30 -1.28
N GLY C 87 36.17 25.05 -1.61
CA GLY C 87 35.40 24.22 -0.71
C GLY C 87 33.93 24.57 -0.66
N TYR C 88 33.41 25.28 -1.65
CA TYR C 88 32.03 25.71 -1.69
C TYR C 88 31.37 25.25 -2.99
N PRO C 89 30.05 25.04 -2.98
CA PRO C 89 29.08 25.23 -1.88
C PRO C 89 29.29 24.29 -0.69
N SER C 90 28.96 24.78 0.49
CA SER C 90 29.01 23.99 1.72
C SER C 90 27.62 23.44 2.02
N PHE C 91 27.55 22.17 2.40
CA PHE C 91 26.26 21.54 2.65
C PHE C 91 25.51 22.25 3.76
N TRP C 92 26.20 22.60 4.84
CA TRP C 92 25.53 23.21 5.99
C TRP C 92 24.96 24.57 5.63
N ASN C 93 25.66 25.36 4.81
CA ASN C 93 25.11 26.63 4.36
C ASN C 93 23.82 26.43 3.56
N VAL C 94 23.83 25.47 2.64
CA VAL C 94 22.66 25.19 1.81
C VAL C 94 21.49 24.76 2.69
N LEU C 95 21.75 23.87 3.65
CA LEU C 95 20.70 23.37 4.52
C LEU C 95 20.10 24.49 5.37
N ILE C 96 20.96 25.33 5.96
CA ILE C 96 20.46 26.40 6.82
C ILE C 96 19.63 27.38 6.02
N ILE C 97 20.11 27.77 4.83
CA ILE C 97 19.37 28.71 3.99
C ILE C 97 18.01 28.13 3.61
N GLU C 98 17.99 26.85 3.22
CA GLU C 98 16.71 26.26 2.85
C GLU C 98 15.76 26.25 4.03
N ILE C 99 16.24 25.86 5.21
CA ILE C 99 15.38 25.82 6.38
C ILE C 99 14.79 27.20 6.64
N VAL C 100 15.64 28.22 6.71
CA VAL C 100 15.16 29.56 7.04
C VAL C 100 14.15 30.03 6.00
N LEU C 101 14.50 29.96 4.71
CA LEU C 101 13.66 30.57 3.69
C LEU C 101 12.36 29.79 3.50
N VAL C 102 12.45 28.47 3.26
CA VAL C 102 11.25 27.70 2.97
C VAL C 102 10.39 27.58 4.23
N GLY C 103 11.01 27.40 5.40
CA GLY C 103 10.24 27.38 6.63
C GLY C 103 9.47 28.66 6.88
N ALA C 104 10.13 29.81 6.67
CA ALA C 104 9.43 31.08 6.84
C ALA C 104 8.29 31.22 5.84
N ALA C 105 8.52 30.84 4.58
CA ALA C 105 7.46 30.95 3.59
C ALA C 105 6.28 30.06 3.93
N GLU C 106 6.53 28.82 4.34
CA GLU C 106 5.45 27.91 4.70
C GLU C 106 4.71 28.39 5.95
N ALA C 107 5.45 28.94 6.91
CA ALA C 107 4.82 29.47 8.12
C ALA C 107 3.93 30.65 7.80
N TYR C 108 4.38 31.54 6.92
CA TYR C 108 3.54 32.66 6.49
C TYR C 108 2.30 32.16 5.76
N ARG C 109 2.46 31.18 4.87
CA ARG C 109 1.33 30.68 4.08
C ARG C 109 0.29 29.99 4.96
N THR C 110 0.73 29.23 5.95
CA THR C 110 -0.17 28.37 6.71
C THR C 110 -0.71 29.02 7.97
N GLY C 111 -0.35 30.27 8.25
CA GLY C 111 -0.82 30.93 9.45
C GLY C 111 -0.07 30.59 10.72
N ILE C 112 1.03 29.83 10.64
CA ILE C 112 1.86 29.60 11.81
C ILE C 112 2.43 30.93 12.32
N SER C 113 2.90 31.77 11.40
CA SER C 113 3.39 33.09 11.73
C SER C 113 2.58 34.14 10.97
N ASP C 114 2.39 35.30 11.60
CA ASP C 114 1.61 36.36 10.99
C ASP C 114 2.30 36.90 9.75
N SER C 115 1.50 37.32 8.78
CA SER C 115 2.02 37.73 7.49
C SER C 115 2.85 39.00 7.62
N PRO C 116 3.95 39.12 6.87
CA PRO C 116 4.73 40.36 6.88
C PRO C 116 4.06 41.51 6.15
N PHE C 117 3.08 41.24 5.29
CA PHE C 117 2.34 42.28 4.58
C PHE C 117 1.06 42.62 5.34
N ASP C 118 0.42 43.71 4.91
CA ASP C 118 -0.85 44.11 5.49
C ASP C 118 -1.92 44.23 4.41
N ASP C 119 -1.92 43.29 3.46
CA ASP C 119 -2.85 43.31 2.35
C ASP C 119 -4.13 42.52 2.64
N GLY C 120 -4.21 41.84 3.78
CA GLY C 120 -5.40 41.10 4.12
C GLY C 120 -5.61 39.81 3.35
N LEU C 121 -4.56 39.24 2.76
CA LEU C 121 -4.68 37.95 2.10
C LEU C 121 -5.13 36.89 3.10
N THR C 122 -5.98 35.98 2.65
CA THR C 122 -6.62 35.00 3.52
C THR C 122 -5.77 33.73 3.61
N VAL C 123 -5.50 33.29 4.84
CA VAL C 123 -4.83 32.01 5.04
C VAL C 123 -5.80 30.88 4.78
N GLY C 124 -5.37 29.90 3.98
CA GLY C 124 -6.23 28.82 3.54
C GLY C 124 -6.77 28.98 2.13
N ASP C 125 -6.61 30.15 1.53
CA ASP C 125 -7.00 30.40 0.15
C ASP C 125 -5.83 30.06 -0.76
N VAL C 126 -5.95 28.97 -1.52
CA VAL C 126 -4.86 28.56 -2.40
C VAL C 126 -4.79 29.38 -3.67
N ASN C 127 -5.76 30.24 -3.92
CA ASN C 127 -5.75 31.15 -5.07
C ASN C 127 -5.95 32.57 -4.55
N PRO C 128 -4.95 33.12 -3.83
CA PRO C 128 -5.14 34.42 -3.19
C PRO C 128 -5.02 35.60 -4.15
N GLY C 129 -4.17 35.50 -5.16
CA GLY C 129 -4.01 36.61 -6.07
C GLY C 129 -3.29 37.77 -5.38
N GLY C 130 -3.66 38.99 -5.78
CA GLY C 130 -2.98 40.17 -5.30
C GLY C 130 -1.53 40.18 -5.75
N ARG C 131 -0.60 40.30 -4.80
CA ARG C 131 0.82 40.28 -5.13
C ARG C 131 1.26 38.95 -5.73
N PHE C 132 0.48 37.88 -5.53
CA PHE C 132 0.80 36.58 -6.08
C PHE C 132 0.24 36.38 -7.48
N ASP C 133 -0.40 37.40 -8.04
CA ASP C 133 -0.72 37.47 -9.46
C ASP C 133 -0.20 38.80 -9.98
N PRO C 134 1.11 39.00 -9.97
CA PRO C 134 1.67 40.33 -10.29
C PRO C 134 1.37 40.79 -11.70
N LEU C 135 1.30 39.88 -12.66
CA LEU C 135 0.95 40.25 -14.03
C LEU C 135 -0.55 40.35 -14.25
N GLY C 136 -1.36 40.05 -13.24
CA GLY C 136 -2.80 40.22 -13.34
C GLY C 136 -3.49 39.36 -14.36
N LEU C 137 -3.04 38.12 -14.54
CA LEU C 137 -3.67 37.22 -15.50
C LEU C 137 -5.04 36.77 -15.03
N ALA C 138 -5.26 36.70 -13.71
CA ALA C 138 -6.51 36.19 -13.18
C ALA C 138 -7.67 37.15 -13.42
N GLU C 139 -7.40 38.45 -13.50
CA GLU C 139 -8.45 39.42 -13.77
C GLU C 139 -8.54 39.81 -15.25
N SER C 140 -7.51 39.57 -16.04
CA SER C 140 -7.58 39.82 -17.47
C SER C 140 -8.26 38.69 -18.23
N GLY C 141 -8.20 37.46 -17.71
CA GLY C 141 -8.84 36.33 -18.32
C GLY C 141 -10.01 35.80 -17.50
N ASP C 142 -10.36 34.55 -17.75
CA ASP C 142 -11.44 33.89 -17.02
C ASP C 142 -10.85 33.13 -15.84
N LEU C 143 -11.15 33.59 -14.63
CA LEU C 143 -10.55 33.00 -13.43
C LEU C 143 -10.94 31.54 -13.26
N GLU C 144 -12.22 31.22 -13.46
CA GLU C 144 -12.67 29.84 -13.25
C GLU C 144 -12.04 28.90 -14.27
N GLU C 145 -11.96 29.31 -15.53
CA GLU C 145 -11.30 28.49 -16.55
C GLU C 145 -9.82 28.30 -16.23
N LEU C 146 -9.15 29.36 -15.81
CA LEU C 146 -7.73 29.25 -15.46
C LEU C 146 -7.53 28.32 -14.27
N LYS C 147 -8.43 28.38 -13.29
CA LYS C 147 -8.34 27.49 -12.14
C LYS C 147 -8.52 26.03 -12.56
N ILE C 148 -9.45 25.79 -13.49
CA ILE C 148 -9.65 24.42 -14.00
C ILE C 148 -8.39 23.92 -14.72
N LYS C 149 -7.80 24.78 -15.56
CA LYS C 149 -6.55 24.42 -16.22
C LYS C 149 -5.46 24.10 -15.22
N GLU C 150 -5.35 24.93 -14.17
CA GLU C 150 -4.36 24.69 -13.12
C GLU C 150 -4.60 23.36 -12.42
N LEU C 151 -5.85 23.07 -12.08
CA LEU C 151 -6.16 21.80 -11.42
C LEU C 151 -5.82 20.60 -12.29
N LYS C 152 -6.11 20.69 -13.58
CA LYS C 152 -5.77 19.61 -14.50
C LYS C 152 -4.27 19.41 -14.57
N HIS C 153 -3.49 20.49 -14.65
CA HIS C 153 -2.05 20.36 -14.68
C HIS C 153 -1.53 19.78 -13.36
N CYS C 154 -2.14 20.15 -12.24
CA CYS C 154 -1.80 19.56 -10.94
C CYS C 154 -1.95 18.03 -10.97
N ARG C 155 -3.13 17.56 -11.39
CA ARG C 155 -3.39 16.12 -11.36
C ARG C 155 -2.49 15.37 -12.34
N LEU C 156 -2.29 15.93 -13.54
CA LEU C 156 -1.42 15.29 -14.51
C LEU C 156 0.01 15.20 -14.00
N SER C 157 0.52 16.27 -13.38
CA SER C 157 1.90 16.23 -12.89
C SER C 157 2.06 15.25 -11.75
N MET C 158 1.06 15.14 -10.87
CA MET C 158 1.14 14.17 -9.78
C MET C 158 1.16 12.74 -10.31
N PHE C 159 0.32 12.43 -11.28
CA PHE C 159 0.33 11.08 -11.86
C PHE C 159 1.67 10.80 -12.57
N ALA C 160 2.21 11.80 -13.26
CA ALA C 160 3.54 11.64 -13.86
C ALA C 160 4.61 11.37 -12.80
N TRP C 161 4.54 12.05 -11.65
CA TRP C 161 5.51 11.83 -10.59
C TRP C 161 5.40 10.41 -10.02
N LEU C 162 4.17 9.91 -9.84
CA LEU C 162 4.00 8.52 -9.44
C LEU C 162 4.65 7.57 -10.45
N GLY C 163 4.47 7.87 -11.73
CA GLY C 163 5.17 7.11 -12.76
C GLY C 163 6.68 7.16 -12.61
N CYS C 164 7.22 8.35 -12.31
CA CYS C 164 8.67 8.48 -12.10
C CYS C 164 9.14 7.62 -10.95
N ILE C 165 8.39 7.59 -9.85
CA ILE C 165 8.79 6.78 -8.69
C ILE C 165 8.89 5.31 -9.11
N PHE C 166 7.83 4.79 -9.73
CA PHE C 166 7.84 3.35 -9.99
C PHE C 166 8.75 2.99 -11.16
N GLN C 167 8.95 3.90 -12.11
CA GLN C 167 9.90 3.65 -13.19
C GLN C 167 11.33 3.61 -12.66
N ALA C 168 11.66 4.48 -11.70
CA ALA C 168 12.95 4.38 -11.04
C ALA C 168 13.11 3.03 -10.35
N LEU C 169 12.08 2.59 -9.63
CA LEU C 169 12.19 1.30 -8.94
C LEU C 169 12.35 0.15 -9.94
N ALA C 170 11.63 0.20 -11.05
CA ALA C 170 11.56 -0.94 -11.97
C ALA C 170 12.69 -0.99 -12.99
N THR C 171 13.32 0.14 -13.31
CA THR C 171 14.31 0.19 -14.38
C THR C 171 15.70 0.62 -13.92
N GLN C 172 15.81 1.32 -12.79
CA GLN C 172 17.09 1.81 -12.27
C GLN C 172 17.78 2.77 -13.24
N GLU C 173 17.00 3.41 -14.11
CA GLU C 173 17.49 4.41 -15.03
C GLU C 173 16.63 5.65 -14.91
N GLY C 174 17.14 6.77 -15.43
CA GLY C 174 16.42 8.02 -15.41
C GLY C 174 15.15 7.97 -16.23
N PRO C 175 14.16 8.80 -15.87
CA PRO C 175 12.92 8.85 -16.66
C PRO C 175 13.14 9.27 -18.11
N ILE C 176 14.06 10.20 -18.37
CA ILE C 176 14.34 10.59 -19.75
C ILE C 176 14.98 9.44 -20.51
N ALA C 177 15.84 8.65 -19.85
CA ALA C 177 16.39 7.47 -20.47
C ALA C 177 15.30 6.45 -20.81
N ASN C 178 14.30 6.32 -19.93
CA ASN C 178 13.14 5.47 -20.23
C ASN C 178 12.42 5.97 -21.47
N TRP C 179 12.21 7.28 -21.56
CA TRP C 179 11.50 7.85 -22.71
C TRP C 179 12.27 7.59 -24.00
N GLN C 180 13.59 7.78 -23.97
CA GLN C 180 14.41 7.53 -25.15
C GLN C 180 14.36 6.06 -25.56
N SER C 181 14.46 5.14 -24.58
CA SER C 181 14.41 3.72 -24.91
C SER C 181 13.06 3.33 -25.49
N HIS C 182 11.96 3.86 -24.95
CA HIS C 182 10.64 3.54 -25.50
C HIS C 182 10.49 4.09 -26.93
N VAL C 183 10.80 5.36 -27.14
CA VAL C 183 10.54 5.94 -28.45
C VAL C 183 11.46 5.33 -29.51
N ALA C 184 12.67 4.90 -29.13
CA ALA C 184 13.56 4.27 -30.11
C ALA C 184 12.98 2.96 -30.63
N ASP C 185 12.34 2.17 -29.76
CA ASP C 185 11.77 0.88 -30.14
C ASP C 185 10.59 0.53 -29.23
N PRO C 186 9.42 1.13 -29.43
CA PRO C 186 8.34 0.97 -28.44
C PRO C 186 7.80 -0.44 -28.30
N VAL C 187 7.84 -1.27 -29.34
CA VAL C 187 7.35 -2.64 -29.22
C VAL C 187 8.25 -3.45 -28.28
N HIS C 188 9.55 -3.20 -28.31
CA HIS C 188 10.51 -4.02 -27.58
C HIS C 188 11.08 -3.32 -26.34
N SER C 189 10.56 -2.16 -25.96
CA SER C 189 11.06 -1.46 -24.77
C SER C 189 9.87 -0.80 -24.08
N ASN C 190 9.29 -1.51 -23.12
CA ASN C 190 8.12 -1.06 -22.38
C ASN C 190 8.04 -1.85 -21.09
N VAL C 191 6.98 -1.61 -20.30
CA VAL C 191 6.87 -2.22 -18.98
C VAL C 191 6.73 -3.73 -19.09
N LEU C 192 6.03 -4.21 -20.13
CA LEU C 192 5.85 -5.65 -20.29
C LEU C 192 7.16 -6.36 -20.63
N THR C 193 7.95 -5.79 -21.53
CA THR C 193 9.25 -6.39 -21.85
C THR C 193 10.20 -6.31 -20.66
N ASN C 194 10.13 -5.23 -19.88
CA ASN C 194 10.93 -5.14 -18.67
C ASN C 194 10.49 -6.17 -17.63
N ALA C 195 9.19 -6.42 -17.54
CA ALA C 195 8.66 -7.44 -16.63
C ALA C 195 9.10 -8.84 -17.04
N ALA C 196 9.11 -9.11 -18.35
CA ALA C 196 9.61 -10.40 -18.84
C ALA C 196 11.07 -10.61 -18.45
N LYS C 197 11.83 -9.53 -18.27
CA LYS C 197 13.21 -9.62 -17.83
C LYS C 197 13.35 -9.63 -16.32
N GLY C 198 12.25 -9.48 -15.58
CA GLY C 198 12.26 -9.59 -14.14
C GLY C 198 12.48 -8.30 -13.38
N PHE C 199 12.46 -7.15 -14.04
CA PHE C 199 12.66 -5.84 -13.40
C PHE C 199 13.98 -5.77 -12.64
N GLY C 200 14.96 -6.56 -13.08
CA GLY C 200 16.26 -6.59 -12.43
C GLY C 200 16.33 -7.41 -11.16
N PHE C 201 15.25 -8.09 -10.77
CA PHE C 201 15.25 -8.86 -9.53
C PHE C 201 14.79 -10.29 -9.74
N TYR C 202 13.86 -10.50 -10.66
CA TYR C 202 13.35 -11.84 -10.93
C TYR C 202 13.97 -12.40 -12.21
#